data_8T28
#
_entry.id   8T28
#
_cell.length_a   90.390
_cell.length_b   90.390
_cell.length_c   101.704
_cell.angle_alpha   90.00
_cell.angle_beta   90.00
_cell.angle_gamma   120.00
#
_symmetry.space_group_name_H-M   'P 62 2 2'
#
loop_
_entity.id
_entity.type
_entity.pdbx_description
1 polymer 'Class C sortase'
2 non-polymer 'PHOSPHATE ION'
3 non-polymer 'CHLORIDE ION'
4 water water
#
_entity_poly.entity_id   1
_entity_poly.type   'polypeptide(L)'
_entity_poly.pdbx_seq_one_letter_code
;SNAVSQYNQSKVTADYSAQVDGARPDAKTQVEQAHAYNDALSAGAVLEANNHVPTGAGSSKDSSLQYANILKANNEGLMA
RLKIPSISLDLPVYHGTADDTLLKGLGHLEGTSLPVGGEGTRSVITGHRGLAEATMFTNLDKVKTGDSLIVEVFGEVLTY
RVTSTKVVEPEETEALRVEEGKDLLTLVTCTPLGINTHRILLTGERIYPTPAKDLAAAGKRPDVPH
;
_entity_poly.pdbx_strand_id   A
#
# COMPACT_ATOMS: atom_id res chain seq x y z
N ASP A 26 18.20 1.16 -15.44
CA ASP A 26 18.09 1.21 -13.95
C ASP A 26 16.64 0.93 -13.50
N ALA A 27 15.69 0.68 -14.42
CA ALA A 27 14.34 0.27 -14.05
C ALA A 27 14.34 -1.23 -13.73
N LYS A 28 14.89 -2.00 -14.65
CA LYS A 28 15.24 -3.41 -14.52
C LYS A 28 15.87 -3.68 -13.15
N THR A 29 16.91 -2.91 -12.82
CA THR A 29 17.71 -3.08 -11.61
C THR A 29 16.95 -2.66 -10.35
N GLN A 30 16.19 -1.56 -10.45
CA GLN A 30 15.47 -1.02 -9.32
C GLN A 30 14.40 -2.04 -8.92
N VAL A 31 13.83 -2.73 -9.93
CA VAL A 31 12.81 -3.73 -9.66
C VAL A 31 13.47 -4.97 -9.05
N GLU A 32 14.65 -5.38 -9.54
CA GLU A 32 15.40 -6.49 -8.93
C GLU A 32 15.77 -6.17 -7.48
N GLN A 33 16.19 -4.93 -7.20
CA GLN A 33 16.52 -4.47 -5.87
C GLN A 33 15.29 -4.57 -4.97
N ALA A 34 14.12 -4.19 -5.51
CA ALA A 34 12.86 -4.25 -4.77
C ALA A 34 12.52 -5.68 -4.39
N HIS A 35 12.71 -6.63 -5.32
CA HIS A 35 12.49 -8.04 -5.03
C HIS A 35 13.43 -8.54 -3.95
N ALA A 36 14.72 -8.16 -4.01
CA ALA A 36 15.71 -8.49 -2.99
C ALA A 36 15.31 -7.92 -1.62
N TYR A 37 14.88 -6.64 -1.58
CA TYR A 37 14.37 -6.04 -0.36
C TYR A 37 13.18 -6.84 0.18
N ASN A 38 12.25 -7.22 -0.69
CA ASN A 38 11.07 -7.97 -0.29
C ASN A 38 11.47 -9.37 0.22
N ASP A 39 12.49 -9.96 -0.40
CA ASP A 39 13.01 -11.25 0.04
C ASP A 39 13.58 -11.15 1.47
N ALA A 40 14.29 -10.06 1.79
CA ALA A 40 14.92 -9.95 3.11
C ALA A 40 13.88 -9.57 4.17
N LEU A 41 12.72 -9.04 3.75
CA LEU A 41 11.74 -8.47 4.67
C LEU A 41 10.73 -9.53 5.10
N SER A 42 10.44 -9.57 6.41
CA SER A 42 9.20 -10.13 6.94
C SER A 42 8.19 -9.01 7.08
N ALA A 43 7.29 -8.90 6.11
CA ALA A 43 6.30 -7.84 6.02
C ALA A 43 5.28 -7.97 7.15
N GLY A 44 4.86 -6.83 7.71
CA GLY A 44 3.75 -6.87 8.62
C GLY A 44 3.25 -5.47 8.93
N ALA A 45 2.00 -5.37 9.34
CA ALA A 45 1.42 -4.12 9.78
C ALA A 45 0.34 -4.35 10.83
N VAL A 46 0.00 -3.27 11.53
CA VAL A 46 -1.10 -3.29 12.49
C VAL A 46 -1.85 -1.98 12.35
N LEU A 47 -3.17 -2.10 12.27
CA LEU A 47 -4.08 -1.01 12.48
C LEU A 47 -4.33 -0.93 13.98
N GLU A 48 -3.74 0.07 14.62
CA GLU A 48 -3.90 0.25 16.07
C GLU A 48 -5.20 1.00 16.39
N ALA A 49 -5.81 0.57 17.50
CA ALA A 49 -6.92 1.25 18.12
C ALA A 49 -6.63 2.72 18.22
N ASN A 50 -7.57 3.51 17.72
CA ASN A 50 -7.55 4.94 17.90
C ASN A 50 -6.33 5.58 17.27
N ASN A 51 -5.64 4.92 16.31
CA ASN A 51 -4.52 5.52 15.59
C ASN A 51 -4.99 5.95 14.19
N HIS A 52 -4.63 7.18 13.76
CA HIS A 52 -5.12 7.80 12.54
C HIS A 52 -4.46 7.21 11.29
N VAL A 53 -3.35 6.48 11.46
CA VAL A 53 -2.61 5.87 10.35
C VAL A 53 -2.30 4.42 10.72
N PRO A 54 -2.13 3.52 9.71
CA PRO A 54 -1.65 2.17 9.98
C PRO A 54 -0.23 2.23 10.51
N THR A 55 0.18 1.18 11.24
CA THR A 55 1.50 1.05 11.83
C THR A 55 2.25 -0.07 11.13
N GLY A 56 3.43 0.27 10.59
CA GLY A 56 4.34 -0.72 10.02
C GLY A 56 4.88 -1.63 11.10
N ALA A 57 5.02 -2.94 10.82
CA ALA A 57 5.48 -3.86 11.85
C ALA A 57 6.23 -5.02 11.19
N GLY A 58 7.27 -4.70 10.42
CA GLY A 58 8.02 -5.69 9.70
C GLY A 58 9.47 -5.69 10.18
N SER A 59 10.25 -6.71 9.81
CA SER A 59 11.69 -6.67 10.04
C SER A 59 12.42 -7.25 8.82
N SER A 60 13.71 -6.90 8.71
CA SER A 60 14.54 -7.25 7.56
C SER A 60 15.73 -8.09 8.02
N LYS A 61 16.10 -9.11 7.22
CA LYS A 61 17.35 -9.82 7.44
C LYS A 61 18.50 -9.09 6.76
N ASP A 62 18.25 -7.96 6.10
CA ASP A 62 19.33 -7.23 5.45
C ASP A 62 19.03 -5.73 5.43
N SER A 63 19.61 -5.01 6.40
CA SER A 63 19.36 -3.58 6.55
C SER A 63 20.23 -2.76 5.61
N SER A 64 21.14 -3.40 4.88
CA SER A 64 21.87 -2.66 3.87
C SER A 64 20.98 -2.38 2.66
N LEU A 65 19.82 -3.05 2.52
CA LEU A 65 18.89 -2.67 1.46
C LEU A 65 18.04 -1.50 1.95
N GLN A 66 18.41 -0.28 1.53
CA GLN A 66 17.86 0.95 2.05
C GLN A 66 16.56 1.33 1.34
N TYR A 67 15.48 1.36 2.13
CA TYR A 67 14.13 1.59 1.66
C TYR A 67 14.02 2.82 0.76
N ALA A 68 14.55 3.96 1.25
CA ALA A 68 14.43 5.26 0.59
C ALA A 68 15.05 5.25 -0.81
N ASN A 69 16.05 4.38 -1.01
CA ASN A 69 16.81 4.34 -2.24
C ASN A 69 16.31 3.27 -3.20
N ILE A 70 15.27 2.50 -2.83
CA ILE A 70 14.80 1.42 -3.69
C ILE A 70 13.43 1.85 -4.25
N LEU A 71 13.22 1.59 -5.55
CA LEU A 71 12.09 2.13 -6.30
C LEU A 71 11.99 3.64 -6.11
N LYS A 72 13.12 4.31 -6.29
CA LYS A 72 13.19 5.74 -6.14
C LYS A 72 13.08 6.37 -7.53
N ALA A 73 11.87 6.81 -7.90
CA ALA A 73 11.58 7.32 -9.23
C ALA A 73 11.99 8.77 -9.34
N ASN A 74 12.04 9.52 -8.23
CA ASN A 74 12.54 10.88 -8.29
C ASN A 74 12.99 11.28 -6.89
N ASN A 75 13.40 12.54 -6.76
CA ASN A 75 13.96 13.07 -5.54
C ASN A 75 12.90 13.33 -4.48
N GLU A 76 11.63 13.16 -4.83
CA GLU A 76 10.54 13.47 -3.92
C GLU A 76 10.04 12.13 -3.37
N GLY A 77 10.72 11.04 -3.69
CA GLY A 77 10.36 9.79 -3.06
C GLY A 77 9.24 9.02 -3.77
N LEU A 78 8.82 9.47 -4.96
CA LEU A 78 7.86 8.73 -5.78
C LEU A 78 8.34 7.30 -6.02
N MET A 79 7.42 6.34 -5.87
CA MET A 79 7.68 4.90 -6.02
C MET A 79 6.94 4.28 -7.22
N ALA A 80 5.66 4.66 -7.39
CA ALA A 80 4.69 3.94 -8.19
C ALA A 80 3.42 4.76 -8.35
N ARG A 81 2.50 4.21 -9.14
CA ARG A 81 1.14 4.74 -9.24
C ARG A 81 0.19 3.59 -8.93
N LEU A 82 -0.94 3.96 -8.34
CA LEU A 82 -2.03 3.04 -8.09
C LEU A 82 -3.27 3.55 -8.83
N LYS A 83 -3.93 2.63 -9.55
CA LYS A 83 -5.17 2.88 -10.26
C LYS A 83 -6.22 1.94 -9.72
N ILE A 84 -7.43 2.51 -9.53
CA ILE A 84 -8.61 1.73 -9.22
C ILE A 84 -9.71 2.24 -10.09
N PRO A 85 -9.86 1.62 -11.28
CA PRO A 85 -10.82 2.11 -12.26
C PRO A 85 -12.27 2.17 -11.76
N SER A 86 -12.68 1.25 -10.85
CA SER A 86 -14.08 1.21 -10.39
C SER A 86 -14.46 2.52 -9.68
N ILE A 87 -13.48 3.25 -9.12
CA ILE A 87 -13.75 4.54 -8.48
C ILE A 87 -12.96 5.66 -9.14
N SER A 88 -12.51 5.47 -10.39
CA SER A 88 -11.78 6.48 -11.15
C SER A 88 -10.58 7.01 -10.38
N LEU A 89 -9.85 6.15 -9.69
CA LEU A 89 -8.71 6.58 -8.91
C LEU A 89 -7.44 6.32 -9.70
N ASP A 90 -6.52 7.29 -9.65
CA ASP A 90 -5.20 7.16 -10.22
C ASP A 90 -4.31 8.15 -9.49
N LEU A 91 -3.44 7.63 -8.64
CA LEU A 91 -2.70 8.52 -7.76
C LEU A 91 -1.28 8.02 -7.67
N PRO A 92 -0.34 8.95 -7.40
CA PRO A 92 1.03 8.59 -7.04
C PRO A 92 1.13 7.93 -5.67
N VAL A 93 2.11 7.03 -5.57
CA VAL A 93 2.44 6.33 -4.34
C VAL A 93 3.84 6.76 -3.96
N TYR A 94 4.05 7.21 -2.71
CA TYR A 94 5.35 7.68 -2.23
C TYR A 94 5.93 6.71 -1.23
N HIS A 95 7.22 6.92 -0.92
CA HIS A 95 7.83 6.22 0.19
C HIS A 95 7.27 6.75 1.49
N GLY A 96 6.88 5.84 2.41
CA GLY A 96 6.56 6.26 3.78
C GLY A 96 5.16 6.87 3.90
N THR A 97 4.83 7.24 5.13
CA THR A 97 3.49 7.68 5.47
C THR A 97 3.61 8.92 6.37
N ALA A 98 4.64 9.76 6.16
CA ALA A 98 4.72 11.04 6.86
C ALA A 98 3.51 11.90 6.48
N ASP A 99 3.17 12.81 7.37
CA ASP A 99 2.04 13.71 7.22
C ASP A 99 2.08 14.44 5.88
N ASP A 100 3.20 15.07 5.53
CA ASP A 100 3.27 15.87 4.31
C ASP A 100 3.14 15.00 3.07
N THR A 101 3.74 13.79 3.11
CA THR A 101 3.65 12.83 2.03
C THR A 101 2.20 12.49 1.71
N LEU A 102 1.40 12.27 2.76
CA LEU A 102 0.02 11.87 2.60
C LEU A 102 -0.85 13.00 2.09
N LEU A 103 -0.37 14.27 2.09
CA LEU A 103 -1.09 15.35 1.41
C LEU A 103 -0.67 15.45 -0.07
N LYS A 104 0.44 14.84 -0.46
CA LYS A 104 0.87 14.81 -1.85
C LYS A 104 0.25 13.62 -2.60
N GLY A 105 0.03 12.52 -1.90
CA GLY A 105 -0.42 11.31 -2.56
C GLY A 105 -0.61 10.18 -1.56
N LEU A 106 -0.56 8.97 -2.07
CA LEU A 106 -0.69 7.79 -1.22
C LEU A 106 0.67 7.46 -0.64
N GLY A 107 0.67 6.89 0.57
CA GLY A 107 1.91 6.47 1.20
C GLY A 107 2.05 4.96 1.24
N HIS A 108 3.21 4.44 0.83
CA HIS A 108 3.57 3.06 1.10
C HIS A 108 4.03 2.95 2.55
N LEU A 109 3.51 1.92 3.24
CA LEU A 109 3.77 1.75 4.65
C LEU A 109 5.07 0.97 4.81
N GLU A 110 6.10 1.66 5.33
CA GLU A 110 7.38 1.03 5.53
C GLU A 110 7.22 -0.06 6.59
N GLY A 111 7.78 -1.23 6.30
CA GLY A 111 7.55 -2.43 7.11
C GLY A 111 6.76 -3.47 6.33
N THR A 112 6.13 -3.05 5.21
CA THR A 112 5.38 -3.96 4.34
C THR A 112 6.11 -4.10 3.00
N SER A 113 5.73 -5.11 2.22
CA SER A 113 6.42 -5.37 0.96
C SER A 113 6.29 -4.17 0.03
N LEU A 114 7.36 -3.92 -0.72
CA LEU A 114 7.31 -3.00 -1.84
C LEU A 114 6.34 -3.59 -2.87
N PRO A 115 5.55 -2.72 -3.54
CA PRO A 115 4.52 -3.18 -4.47
C PRO A 115 5.01 -3.67 -5.83
N VAL A 116 5.91 -4.67 -5.80
CA VAL A 116 6.36 -5.34 -7.02
C VAL A 116 5.93 -6.82 -6.98
N GLY A 117 4.99 -7.21 -6.11
CA GLY A 117 4.54 -8.59 -6.11
C GLY A 117 5.57 -9.56 -5.53
N GLY A 118 5.28 -10.84 -5.73
CA GLY A 118 6.06 -11.97 -5.24
C GLY A 118 5.19 -12.80 -4.29
N GLU A 119 5.40 -14.13 -4.29
CA GLU A 119 4.71 -15.00 -3.35
C GLU A 119 5.15 -14.67 -1.93
N GLY A 120 4.22 -14.73 -0.97
CA GLY A 120 4.48 -14.41 0.42
C GLY A 120 4.81 -12.91 0.65
N THR A 121 4.10 -12.04 -0.06
CA THR A 121 4.23 -10.61 0.08
C THR A 121 2.89 -10.02 0.50
N ARG A 122 2.98 -8.89 1.23
CA ARG A 122 1.83 -8.05 1.49
C ARG A 122 2.28 -6.59 1.53
N SER A 123 1.85 -5.84 0.50
CA SER A 123 2.18 -4.43 0.36
C SER A 123 1.00 -3.62 0.90
N VAL A 124 1.29 -2.66 1.79
CA VAL A 124 0.25 -1.80 2.35
C VAL A 124 0.49 -0.37 1.88
N ILE A 125 -0.63 0.18 1.35
CA ILE A 125 -0.71 1.55 0.89
C ILE A 125 -1.91 2.23 1.54
N THR A 126 -1.68 3.46 2.03
CA THR A 126 -2.66 4.23 2.76
C THR A 126 -2.81 5.61 2.10
N GLY A 127 -3.99 6.20 2.33
CA GLY A 127 -4.32 7.53 1.86
C GLY A 127 -5.54 8.06 2.60
N HIS A 128 -5.69 9.38 2.61
CA HIS A 128 -6.71 10.04 3.43
C HIS A 128 -8.11 9.77 2.89
N ARG A 129 -9.09 9.81 3.82
CA ARG A 129 -10.49 10.02 3.49
C ARG A 129 -10.97 11.27 4.23
N GLY A 130 -11.92 11.99 3.61
CA GLY A 130 -12.63 13.07 4.27
C GLY A 130 -12.07 14.47 4.04
N LEU A 131 -11.02 14.60 3.22
CA LEU A 131 -10.41 15.91 2.96
C LEU A 131 -11.28 16.72 1.99
N ALA A 132 -11.24 18.06 2.07
CA ALA A 132 -11.79 18.87 1.00
C ALA A 132 -10.76 19.07 -0.10
N GLU A 133 -9.47 19.13 0.23
CA GLU A 133 -8.47 19.54 -0.74
C GLU A 133 -8.12 18.44 -1.75
N ALA A 134 -8.49 17.18 -1.49
CA ALA A 134 -8.22 16.10 -2.42
C ALA A 134 -9.02 14.87 -2.01
N THR A 135 -9.47 14.10 -3.02
CA THR A 135 -10.28 12.90 -2.85
C THR A 135 -9.50 11.79 -2.16
N MET A 136 -8.26 11.58 -2.60
CA MET A 136 -7.41 10.51 -2.10
C MET A 136 -8.24 9.24 -2.01
N PHE A 137 -8.37 8.61 -0.81
CA PHE A 137 -9.11 7.34 -0.68
C PHE A 137 -10.54 7.52 -0.13
N THR A 138 -11.15 8.71 -0.32
CA THR A 138 -12.51 8.96 0.16
C THR A 138 -13.52 7.95 -0.41
N ASN A 139 -13.30 7.47 -1.64
CA ASN A 139 -14.25 6.56 -2.28
C ASN A 139 -13.81 5.11 -2.16
N LEU A 140 -12.84 4.81 -1.27
CA LEU A 140 -12.36 3.45 -1.11
C LEU A 140 -13.51 2.54 -0.63
N ASP A 141 -14.45 3.11 0.14
CA ASP A 141 -15.59 2.32 0.59
C ASP A 141 -16.50 1.92 -0.57
N LYS A 142 -16.33 2.48 -1.80
CA LYS A 142 -17.16 2.12 -2.97
C LYS A 142 -16.55 0.96 -3.77
N VAL A 143 -15.36 0.53 -3.35
CA VAL A 143 -14.68 -0.58 -3.99
C VAL A 143 -15.25 -1.88 -3.43
N LYS A 144 -15.47 -2.84 -4.32
CA LYS A 144 -16.10 -4.09 -3.99
C LYS A 144 -15.22 -5.25 -4.42
N THR A 145 -15.53 -6.41 -3.87
CA THR A 145 -14.80 -7.60 -4.26
C THR A 145 -14.94 -7.75 -5.77
N GLY A 146 -13.88 -8.29 -6.39
CA GLY A 146 -13.89 -8.47 -7.83
C GLY A 146 -13.32 -7.27 -8.57
N ASP A 147 -13.22 -6.09 -7.96
CA ASP A 147 -12.68 -4.92 -8.66
C ASP A 147 -11.16 -5.08 -8.82
N SER A 148 -10.59 -4.47 -9.87
CA SER A 148 -9.14 -4.43 -10.05
C SER A 148 -8.48 -3.30 -9.27
N LEU A 149 -7.30 -3.63 -8.71
CA LEU A 149 -6.31 -2.67 -8.22
C LEU A 149 -5.07 -2.81 -9.09
N ILE A 150 -4.59 -1.70 -9.65
CA ILE A 150 -3.52 -1.77 -10.65
C ILE A 150 -2.36 -0.90 -10.19
N VAL A 151 -1.18 -1.54 -10.09
CA VAL A 151 0.08 -0.88 -9.71
C VAL A 151 0.90 -0.71 -10.96
N GLU A 152 1.32 0.53 -11.22
CA GLU A 152 2.27 0.81 -12.28
C GLU A 152 3.56 1.20 -11.63
N VAL A 153 4.61 0.40 -11.84
CA VAL A 153 5.84 0.53 -11.08
C VAL A 153 7.02 0.24 -12.00
N PHE A 154 7.84 1.27 -12.20
CA PHE A 154 9.06 1.17 -12.99
C PHE A 154 8.78 0.45 -14.30
N GLY A 155 7.70 0.80 -14.99
CA GLY A 155 7.41 0.22 -16.29
C GLY A 155 6.65 -1.12 -16.22
N GLU A 156 6.49 -1.73 -15.04
CA GLU A 156 5.68 -2.93 -14.91
C GLU A 156 4.24 -2.58 -14.51
N VAL A 157 3.33 -3.52 -14.79
CA VAL A 157 1.93 -3.35 -14.46
C VAL A 157 1.44 -4.61 -13.75
N LEU A 158 1.03 -4.44 -12.50
CA LEU A 158 0.58 -5.56 -11.69
C LEU A 158 -0.90 -5.38 -11.37
N THR A 159 -1.67 -6.43 -11.56
CA THR A 159 -3.10 -6.38 -11.34
C THR A 159 -3.46 -7.26 -10.15
N TYR A 160 -4.28 -6.69 -9.27
CA TYR A 160 -4.80 -7.40 -8.11
C TYR A 160 -6.32 -7.39 -8.19
N ARG A 161 -6.95 -8.50 -7.79
CA ARG A 161 -8.40 -8.55 -7.68
C ARG A 161 -8.82 -8.51 -6.21
N VAL A 162 -9.70 -7.55 -5.86
CA VAL A 162 -10.18 -7.37 -4.49
C VAL A 162 -10.91 -8.63 -4.02
N THR A 163 -10.45 -9.17 -2.89
CA THR A 163 -10.99 -10.39 -2.33
C THR A 163 -11.61 -10.15 -0.96
N SER A 164 -11.33 -9.02 -0.33
CA SER A 164 -12.00 -8.70 0.92
C SER A 164 -12.01 -7.20 1.15
N THR A 165 -13.11 -6.77 1.78
CA THR A 165 -13.28 -5.40 2.27
C THR A 165 -13.82 -5.44 3.69
N LYS A 166 -13.50 -4.40 4.48
CA LYS A 166 -13.78 -4.38 5.90
C LYS A 166 -13.78 -2.93 6.42
N VAL A 167 -14.69 -2.65 7.34
CA VAL A 167 -14.64 -1.46 8.18
C VAL A 167 -13.93 -1.83 9.47
N VAL A 168 -12.88 -1.09 9.86
CA VAL A 168 -12.22 -1.33 11.12
C VAL A 168 -12.50 -0.12 12.02
N GLU A 169 -13.30 -0.32 13.04
CA GLU A 169 -13.75 0.77 13.89
C GLU A 169 -12.57 1.28 14.75
N PRO A 170 -12.64 2.50 15.30
CA PRO A 170 -11.55 3.07 16.11
C PRO A 170 -11.08 2.17 17.25
N GLU A 171 -11.99 1.47 17.94
CA GLU A 171 -11.67 0.65 19.11
C GLU A 171 -11.01 -0.68 18.73
N GLU A 172 -10.93 -1.02 17.44
CA GLU A 172 -10.38 -2.31 17.03
C GLU A 172 -8.92 -2.20 16.59
N THR A 173 -8.23 -3.30 16.86
CA THR A 173 -6.86 -3.53 16.43
C THR A 173 -6.90 -4.71 15.46
N GLU A 174 -6.24 -4.56 14.29
CA GLU A 174 -6.18 -5.54 13.22
C GLU A 174 -4.73 -5.74 12.78
N ALA A 175 -4.22 -6.98 12.94
CA ALA A 175 -2.90 -7.39 12.48
C ALA A 175 -3.02 -7.69 10.99
N LEU A 176 -2.05 -7.20 10.19
CA LEU A 176 -1.96 -7.50 8.76
C LEU A 176 -0.67 -8.29 8.53
N ARG A 177 -0.82 -9.58 8.25
CA ARG A 177 0.32 -10.47 8.13
C ARG A 177 0.35 -11.05 6.72
N VAL A 178 1.52 -11.52 6.28
CA VAL A 178 1.69 -12.33 5.09
C VAL A 178 0.82 -13.57 5.19
N GLU A 179 0.18 -13.98 4.09
CA GLU A 179 -0.68 -15.17 4.10
C GLU A 179 -0.09 -16.18 3.12
N GLU A 180 0.50 -17.26 3.64
CA GLU A 180 1.00 -18.38 2.86
C GLU A 180 1.95 -17.88 1.77
N GLY A 181 1.73 -18.29 0.54
CA GLY A 181 2.53 -17.87 -0.60
C GLY A 181 1.74 -16.90 -1.49
N LYS A 182 0.78 -16.20 -0.92
CA LYS A 182 -0.05 -15.29 -1.67
C LYS A 182 0.70 -13.99 -1.89
N ASP A 183 0.26 -13.32 -2.96
CA ASP A 183 0.80 -12.06 -3.42
C ASP A 183 -0.34 -11.06 -3.21
N LEU A 184 -0.26 -10.28 -2.12
CA LEU A 184 -1.36 -9.44 -1.67
C LEU A 184 -1.01 -7.95 -1.72
N LEU A 185 -2.05 -7.18 -2.05
CA LEU A 185 -2.03 -5.74 -1.94
C LEU A 185 -3.18 -5.31 -1.03
N THR A 186 -2.83 -4.56 0.01
CA THR A 186 -3.77 -4.08 0.99
C THR A 186 -3.80 -2.54 0.99
N LEU A 187 -5.01 -1.99 0.85
CA LEU A 187 -5.27 -0.58 0.93
C LEU A 187 -6.05 -0.24 2.19
N VAL A 188 -5.65 0.86 2.85
CA VAL A 188 -6.35 1.27 4.05
C VAL A 188 -6.43 2.78 4.06
N THR A 189 -7.54 3.30 4.57
CA THR A 189 -7.69 4.71 4.74
C THR A 189 -6.97 5.16 6.00
N CYS A 190 -6.58 6.44 5.98
CA CYS A 190 -6.08 7.14 7.14
C CYS A 190 -6.80 8.49 7.21
N THR A 191 -6.54 9.21 8.30
CA THR A 191 -7.08 10.56 8.47
C THR A 191 -5.98 11.47 9.04
N PRO A 192 -6.23 12.79 9.09
CA PRO A 192 -5.37 13.69 9.86
C PRO A 192 -5.36 13.29 11.34
N LEU A 193 -4.29 13.71 12.03
CA LEU A 193 -4.07 13.42 13.44
C LEU A 193 -5.27 13.89 14.27
N GLY A 194 -5.74 13.07 15.23
CA GLY A 194 -6.86 13.44 16.11
C GLY A 194 -8.23 13.27 15.47
N ILE A 195 -8.29 12.76 14.24
CA ILE A 195 -9.57 12.42 13.66
C ILE A 195 -9.71 10.92 13.84
N ASN A 196 -10.60 10.53 14.75
CA ASN A 196 -10.77 9.14 15.13
C ASN A 196 -12.11 8.65 14.56
N THR A 197 -12.02 7.89 13.46
CA THR A 197 -13.16 7.44 12.69
C THR A 197 -12.84 6.05 12.11
N HIS A 198 -13.85 5.40 11.52
CA HIS A 198 -13.71 4.03 11.04
C HIS A 198 -12.75 4.04 9.86
N ARG A 199 -11.96 2.97 9.76
CA ARG A 199 -11.09 2.78 8.63
C ARG A 199 -11.78 1.85 7.65
N ILE A 200 -11.49 2.10 6.38
CA ILE A 200 -11.76 1.16 5.33
C ILE A 200 -10.47 0.45 4.97
N LEU A 201 -10.56 -0.89 5.03
CA LEU A 201 -9.50 -1.83 4.74
C LEU A 201 -9.98 -2.80 3.67
N LEU A 202 -9.17 -2.93 2.62
CA LEU A 202 -9.43 -3.96 1.63
C LEU A 202 -8.12 -4.60 1.15
N THR A 203 -8.26 -5.82 0.64
CA THR A 203 -7.14 -6.60 0.16
C THR A 203 -7.49 -7.18 -1.21
N GLY A 204 -6.51 -7.15 -2.11
CA GLY A 204 -6.61 -7.81 -3.41
C GLY A 204 -5.46 -8.80 -3.57
N GLU A 205 -5.71 -9.79 -4.43
CA GLU A 205 -4.73 -10.80 -4.70
C GLU A 205 -4.33 -10.75 -6.17
N ARG A 206 -3.06 -11.08 -6.43
CA ARG A 206 -2.46 -10.95 -7.73
C ARG A 206 -3.25 -11.80 -8.73
N ILE A 207 -3.61 -11.23 -9.88
CA ILE A 207 -4.15 -11.98 -11.01
C ILE A 207 -3.36 -11.59 -12.27
N TYR A 208 -3.63 -12.30 -13.36
CA TYR A 208 -2.81 -12.21 -14.57
C TYR A 208 -3.70 -12.00 -15.79
N PRO A 209 -4.25 -10.79 -16.05
CA PRO A 209 -5.05 -10.59 -17.26
C PRO A 209 -4.22 -10.87 -18.50
N THR A 210 -4.84 -11.28 -19.60
CA THR A 210 -4.10 -11.60 -20.82
C THR A 210 -3.43 -10.33 -21.40
N PRO A 211 -2.12 -10.36 -21.78
CA PRO A 211 -1.34 -9.12 -22.01
C PRO A 211 -1.85 -8.20 -23.15
#